data_3S2Q
#
_entry.id   3S2Q
#
_cell.length_a   41.548
_cell.length_b   60.090
_cell.length_c   66.383
_cell.angle_alpha   90.00
_cell.angle_beta   90.00
_cell.angle_gamma   90.00
#
_symmetry.space_group_name_H-M   'P 21 21 21'
#
loop_
_entity.id
_entity.type
_entity.pdbx_description
1 polymer AT5g51720/MIO24_14
2 non-polymer 'FE2/S2 (INORGANIC) CLUSTER'
3 non-polymer 'ZINC ION'
4 water water
#
_entity_poly.entity_id   1
_entity_poly.type   'polypeptide(L)'
_entity_poly.pdbx_seq_one_letter_code
;GSHMRKQQRMVVVRAEGGGGINPEIRKNEDKVVDSVVVTELSKNITPYCRCWRSGTFPLCDGSHVKHNKANGDNVGPLLL
KKQ
;
_entity_poly.pdbx_strand_id   A,B
#
loop_
_chem_comp.id
_chem_comp.type
_chem_comp.name
_chem_comp.formula
FES non-polymer 'FE2/S2 (INORGANIC) CLUSTER' 'Fe2 S2'
ZN non-polymer 'ZINC ION' 'Zn 2'
#
# COMPACT_ATOMS: atom_id res chain seq x y z
N GLY A 19 -9.14 -4.91 -13.87
CA GLY A 19 -8.15 -3.97 -14.46
C GLY A 19 -7.00 -3.60 -13.54
N GLY A 20 -5.99 -2.96 -14.13
CA GLY A 20 -4.81 -2.54 -13.38
C GLY A 20 -5.13 -1.42 -12.43
N ILE A 21 -4.28 -1.25 -11.43
CA ILE A 21 -4.55 -0.26 -10.39
C ILE A 21 -3.51 0.85 -10.35
N ASN A 22 -2.40 0.65 -11.05
CA ASN A 22 -1.32 1.63 -11.11
C ASN A 22 -1.13 2.16 -12.52
N PRO A 23 -1.91 3.20 -12.90
CA PRO A 23 -1.73 3.67 -14.30
C PRO A 23 -0.36 4.31 -14.58
N GLU A 24 0.24 5.01 -13.61
CA GLU A 24 1.37 5.88 -13.95
C GLU A 24 2.71 5.74 -13.21
N ILE A 25 2.77 5.00 -12.10
CA ILE A 25 3.99 4.96 -11.26
C ILE A 25 5.01 3.90 -11.69
N ARG A 26 6.20 4.36 -12.07
CA ARG A 26 7.36 3.50 -12.38
C ARG A 26 7.00 2.33 -13.29
N LYS A 27 6.37 2.66 -14.44
CA LYS A 27 5.82 1.63 -15.33
C LYS A 27 6.89 0.80 -16.07
N ASN A 28 8.13 1.25 -15.95
CA ASN A 28 9.31 0.57 -16.47
C ASN A 28 9.77 -0.60 -15.57
N GLU A 29 9.30 -0.63 -14.33
CA GLU A 29 9.71 -1.71 -13.41
C GLU A 29 8.70 -2.83 -13.49
N ASP A 30 9.19 -4.07 -13.58
CA ASP A 30 8.28 -5.21 -13.71
C ASP A 30 7.37 -5.39 -12.48
N LYS A 31 7.89 -5.02 -11.30
CA LYS A 31 7.09 -5.02 -10.08
C LYS A 31 7.63 -3.94 -9.20
N VAL A 32 6.77 -3.00 -8.80
CA VAL A 32 7.19 -1.87 -7.95
C VAL A 32 7.14 -2.29 -6.47
N VAL A 33 8.32 -2.40 -5.84
CA VAL A 33 8.45 -2.77 -4.44
C VAL A 33 9.27 -1.67 -3.78
N ASP A 34 8.91 -1.31 -2.55
CA ASP A 34 9.66 -0.30 -1.80
C ASP A 34 9.98 -0.83 -0.44
N SER A 35 11.11 -0.40 0.09
CA SER A 35 11.55 -0.80 1.42
C SER A 35 11.61 0.37 2.37
N VAL A 36 11.26 0.12 3.62
CA VAL A 36 11.42 1.09 4.69
C VAL A 36 12.15 0.48 5.88
N VAL A 37 13.29 1.08 6.20
CA VAL A 37 14.02 0.71 7.40
C VAL A 37 13.38 1.52 8.54
N VAL A 38 12.67 0.82 9.41
CA VAL A 38 11.74 1.46 10.33
C VAL A 38 12.43 2.33 11.38
N THR A 39 13.69 2.02 11.68
CA THR A 39 14.45 2.82 12.63
C THR A 39 14.81 4.18 12.02
N GLU A 40 14.60 4.34 10.72
CA GLU A 40 14.99 5.57 10.05
C GLU A 40 13.83 6.56 9.86
N LEU A 41 12.64 6.16 10.31
CA LEU A 41 11.48 7.06 10.33
C LEU A 41 11.80 8.37 11.06
N SER A 42 11.38 9.50 10.48
CA SER A 42 11.69 10.86 10.98
C SER A 42 10.71 11.40 12.00
N LYS A 43 9.50 10.86 12.00
CA LYS A 43 8.45 11.41 12.85
C LYS A 43 7.55 10.33 13.42
N ASN A 44 6.65 10.74 14.32
CA ASN A 44 5.82 9.79 15.06
C ASN A 44 4.96 8.93 14.12
N ILE A 45 4.29 9.59 13.17
CA ILE A 45 3.37 8.89 12.24
C ILE A 45 3.70 9.25 10.80
N THR A 46 3.99 8.24 9.97
CA THR A 46 4.35 8.46 8.58
C THR A 46 3.42 7.65 7.68
N PRO A 47 2.65 8.34 6.80
CA PRO A 47 1.72 7.59 5.94
C PRO A 47 2.35 7.13 4.62
N TYR A 48 2.12 5.87 4.27
CA TYR A 48 2.61 5.29 3.05
C TYR A 48 1.44 4.99 2.13
N CYS A 49 1.64 5.30 0.85
CA CYS A 49 0.57 5.22 -0.14
C CYS A 49 0.20 3.77 -0.53
N ARG A 50 -1.12 3.51 -0.54
CA ARG A 50 -1.68 2.24 -1.00
C ARG A 50 -2.62 2.43 -2.20
N CYS A 51 -2.70 3.67 -2.68
CA CYS A 51 -3.65 3.94 -3.76
C CYS A 51 -2.99 4.16 -5.15
N TRP A 52 -1.66 4.30 -5.17
CA TRP A 52 -0.88 4.44 -6.42
C TRP A 52 -1.15 5.78 -7.12
N ARG A 53 -1.62 6.75 -6.34
CA ARG A 53 -1.90 8.09 -6.87
C ARG A 53 -1.05 9.18 -6.26
N SER A 54 -0.21 8.84 -5.28
CA SER A 54 0.58 9.89 -4.59
C SER A 54 1.70 10.45 -5.46
N GLY A 55 1.84 11.79 -5.47
CA GLY A 55 2.97 12.41 -6.17
C GLY A 55 4.27 12.27 -5.40
N THR A 56 4.20 11.71 -4.19
CA THR A 56 5.40 11.42 -3.39
C THR A 56 5.56 9.93 -3.08
N PHE A 57 4.88 9.10 -3.87
CA PHE A 57 4.96 7.65 -3.78
C PHE A 57 6.41 7.23 -3.63
N PRO A 58 6.71 6.31 -2.68
CA PRO A 58 5.78 5.49 -1.87
C PRO A 58 5.11 6.19 -0.67
N LEU A 59 5.45 7.45 -0.40
CA LEU A 59 4.79 8.16 0.69
C LEU A 59 3.37 8.56 0.23
N CYS A 60 2.47 8.71 1.19
CA CYS A 60 1.11 9.18 0.95
C CYS A 60 1.13 10.71 1.00
N ASP A 61 0.49 11.34 0.02
CA ASP A 61 0.36 12.82 -0.02
C ASP A 61 -1.09 13.30 0.04
N GLY A 62 -2.00 12.39 0.43
CA GLY A 62 -3.42 12.69 0.57
C GLY A 62 -4.28 12.55 -0.68
N SER A 63 -3.65 12.14 -1.79
CA SER A 63 -4.33 11.91 -3.08
C SER A 63 -5.42 10.86 -3.06
N HIS A 64 -5.36 9.94 -2.08
CA HIS A 64 -6.38 8.92 -1.94
C HIS A 64 -7.80 9.53 -1.77
N VAL A 65 -7.87 10.73 -1.19
CA VAL A 65 -9.17 11.32 -0.90
C VAL A 65 -9.92 11.64 -2.21
N LYS A 66 -9.21 12.36 -3.09
CA LYS A 66 -9.75 12.73 -4.42
C LYS A 66 -10.07 11.49 -5.25
N HIS A 67 -9.18 10.49 -5.20
CA HIS A 67 -9.42 9.21 -5.85
C HIS A 67 -10.70 8.53 -5.35
N ASN A 68 -10.88 8.49 -4.03
CA ASN A 68 -12.03 7.80 -3.45
C ASN A 68 -13.34 8.46 -3.88
N LYS A 69 -13.35 9.80 -3.84
CA LYS A 69 -14.50 10.61 -4.27
C LYS A 69 -14.83 10.38 -5.74
N ALA A 70 -13.81 10.39 -6.61
CA ALA A 70 -14.05 10.27 -8.06
C ALA A 70 -14.52 8.87 -8.48
N ASN A 71 -14.14 7.87 -7.70
CA ASN A 71 -14.30 6.49 -8.12
C ASN A 71 -15.19 5.65 -7.25
N GLY A 72 -15.76 6.29 -6.22
CA GLY A 72 -16.60 5.61 -5.23
C GLY A 72 -15.80 4.48 -4.58
N ASP A 73 -14.55 4.79 -4.21
CA ASP A 73 -13.64 3.78 -3.64
C ASP A 73 -13.43 4.12 -2.15
N ASN A 74 -12.68 3.29 -1.43
CA ASN A 74 -12.52 3.49 0.04
C ASN A 74 -11.08 3.16 0.52
N VAL A 75 -10.09 3.46 -0.32
CA VAL A 75 -8.71 3.09 0.00
C VAL A 75 -8.04 4.18 0.82
N GLY A 76 -7.01 3.77 1.56
CA GLY A 76 -6.27 4.72 2.38
C GLY A 76 -4.89 4.21 2.71
N PRO A 77 -4.13 5.03 3.42
CA PRO A 77 -2.72 4.79 3.65
C PRO A 77 -2.42 3.76 4.76
N LEU A 78 -1.17 3.31 4.76
CA LEU A 78 -0.62 2.56 5.85
C LEU A 78 0.16 3.54 6.74
N LEU A 79 -0.22 3.61 8.01
CA LEU A 79 0.43 4.57 8.93
C LEU A 79 1.50 3.85 9.72
N LEU A 80 2.75 4.26 9.55
CA LEU A 80 3.88 3.67 10.29
C LEU A 80 4.13 4.54 11.52
N LYS A 81 4.06 3.91 12.69
CA LYS A 81 4.04 4.65 13.96
C LYS A 81 5.23 4.23 14.81
N LYS A 82 5.89 5.24 15.40
CA LYS A 82 7.03 5.01 16.28
C LYS A 82 6.49 4.53 17.62
N GLN A 83 5.27 4.93 17.92
CA GLN A 83 4.58 4.72 19.17
C GLN A 83 5.01 5.63 20.31
N GLY B 19 -12.56 3.93 -12.08
CA GLY B 19 -11.80 2.73 -11.68
C GLY B 19 -11.35 2.79 -10.23
N GLY B 20 -12.18 2.28 -9.33
CA GLY B 20 -11.77 2.02 -7.97
C GLY B 20 -10.70 0.93 -8.00
N ILE B 21 -9.88 0.83 -6.96
CA ILE B 21 -8.78 -0.13 -6.98
C ILE B 21 -8.99 -1.30 -6.01
N ASN B 22 -9.97 -1.15 -5.13
CA ASN B 22 -10.21 -2.14 -4.08
C ASN B 22 -11.54 -2.84 -4.29
N PRO B 23 -11.54 -4.06 -4.84
CA PRO B 23 -12.80 -4.74 -5.10
C PRO B 23 -13.66 -5.01 -3.86
N GLU B 24 -13.06 -5.42 -2.74
CA GLU B 24 -13.86 -6.01 -1.67
C GLU B 24 -13.37 -5.73 -0.23
N ILE B 25 -12.15 -5.23 -0.06
CA ILE B 25 -11.65 -5.16 1.31
C ILE B 25 -12.43 -4.11 2.16
N ARG B 26 -13.07 -4.57 3.25
CA ARG B 26 -13.61 -3.69 4.30
C ARG B 26 -14.42 -2.52 3.72
N LYS B 27 -15.35 -2.91 2.83
CA LYS B 27 -16.29 -1.94 2.23
C LYS B 27 -17.26 -1.37 3.28
N ASN B 28 -17.26 -1.95 4.49
CA ASN B 28 -17.97 -1.36 5.63
C ASN B 28 -17.26 -0.13 6.17
N GLU B 29 -16.05 0.14 5.70
CA GLU B 29 -15.30 1.32 6.15
C GLU B 29 -15.21 2.37 5.07
N ASP B 30 -15.43 3.61 5.45
CA ASP B 30 -15.35 4.75 4.52
C ASP B 30 -13.96 4.97 3.93
N LYS B 31 -12.91 4.72 4.75
CA LYS B 31 -11.56 4.80 4.26
C LYS B 31 -10.77 3.76 5.02
N VAL B 32 -10.20 2.81 4.29
CA VAL B 32 -9.46 1.69 4.94
C VAL B 32 -8.03 2.14 5.26
N VAL B 33 -7.76 2.28 6.54
CA VAL B 33 -6.45 2.70 7.05
C VAL B 33 -6.00 1.62 8.01
N ASP B 34 -4.69 1.33 7.98
CA ASP B 34 -4.09 0.39 8.92
C ASP B 34 -2.88 1.02 9.50
N SER B 35 -2.63 0.71 10.78
CA SER B 35 -1.48 1.24 11.51
C SER B 35 -0.54 0.12 11.91
N VAL B 36 0.74 0.45 11.99
CA VAL B 36 1.80 -0.52 12.38
C VAL B 36 2.65 0.25 13.36
N VAL B 37 2.70 -0.23 14.60
CA VAL B 37 3.64 0.32 15.58
C VAL B 37 4.90 -0.46 15.27
N VAL B 38 5.91 0.21 14.74
CA VAL B 38 7.03 -0.49 14.09
C VAL B 38 7.89 -1.30 15.05
N THR B 39 7.92 -0.89 16.32
CA THR B 39 8.73 -1.64 17.33
C THR B 39 8.09 -2.99 17.62
N GLU B 40 6.86 -3.19 17.13
CA GLU B 40 6.14 -4.43 17.33
C GLU B 40 6.43 -5.48 16.23
N LEU B 41 7.09 -5.08 15.15
CA LEU B 41 7.42 -6.02 14.09
C LEU B 41 8.35 -7.06 14.68
N SER B 42 8.23 -8.31 14.26
CA SER B 42 9.14 -9.31 14.79
C SER B 42 10.09 -9.92 13.76
N LYS B 43 9.61 -10.12 12.53
CA LYS B 43 10.48 -10.58 11.43
C LYS B 43 11.37 -9.44 10.99
N ASN B 44 12.49 -9.79 10.35
CA ASN B 44 13.39 -8.78 9.80
C ASN B 44 12.77 -8.03 8.62
N ILE B 45 12.02 -8.76 7.80
CA ILE B 45 11.27 -8.14 6.71
C ILE B 45 9.81 -8.56 6.78
N THR B 46 8.88 -7.59 6.77
CA THR B 46 7.45 -7.90 6.82
C THR B 46 6.80 -7.16 5.67
N PRO B 47 6.21 -7.91 4.71
CA PRO B 47 5.62 -7.29 3.51
C PRO B 47 4.14 -6.90 3.74
N TYR B 48 3.81 -5.66 3.37
CA TYR B 48 2.47 -5.12 3.47
C TYR B 48 1.88 -4.92 2.10
N CYS B 49 0.61 -5.26 1.96
CA CYS B 49 -0.09 -5.28 0.67
C CYS B 49 -0.44 -3.88 0.14
N ARG B 50 -0.14 -3.64 -1.14
CA ARG B 50 -0.50 -2.36 -1.81
C ARG B 50 -1.39 -2.63 -3.03
N CYS B 51 -1.84 -3.88 -3.16
CA CYS B 51 -2.67 -4.31 -4.32
C CYS B 51 -4.13 -4.56 -3.98
N TRP B 52 -4.45 -4.60 -2.68
CA TRP B 52 -5.86 -4.79 -2.25
C TRP B 52 -6.44 -6.15 -2.66
N ARG B 53 -5.58 -7.15 -2.91
CA ARG B 53 -6.03 -8.51 -3.27
C ARG B 53 -5.63 -9.55 -2.21
N SER B 54 -4.74 -9.18 -1.28
CA SER B 54 -4.25 -10.16 -0.28
C SER B 54 -5.36 -10.77 0.61
N GLY B 55 -5.28 -12.08 0.82
CA GLY B 55 -6.20 -12.77 1.72
C GLY B 55 -5.85 -12.52 3.19
N THR B 56 -4.70 -11.88 3.42
CA THR B 56 -4.29 -11.51 4.79
C THR B 56 -4.09 -10.00 4.93
N PHE B 57 -4.74 -9.24 4.05
CA PHE B 57 -4.65 -7.79 4.08
C PHE B 57 -4.83 -7.31 5.53
N PRO B 58 -4.00 -6.35 6.02
CA PRO B 58 -3.05 -5.49 5.30
C PRO B 58 -1.70 -6.14 4.96
N LEU B 59 -1.47 -7.39 5.41
CA LEU B 59 -0.24 -8.08 5.02
C LEU B 59 -0.29 -8.52 3.55
N CYS B 60 0.87 -8.59 2.94
CA CYS B 60 1.03 -9.16 1.59
C CYS B 60 1.17 -10.67 1.64
N ASP B 61 0.35 -11.39 0.87
CA ASP B 61 0.47 -12.86 0.80
C ASP B 61 0.86 -13.35 -0.61
N GLY B 62 1.31 -12.41 -1.47
CA GLY B 62 1.79 -12.75 -2.82
C GLY B 62 0.70 -12.77 -3.86
N SER B 63 -0.50 -12.33 -3.47
CA SER B 63 -1.65 -12.22 -4.38
C SER B 63 -1.39 -11.22 -5.51
N HIS B 64 -0.49 -10.26 -5.28
CA HIS B 64 -0.15 -9.29 -6.33
C HIS B 64 0.40 -9.95 -7.59
N VAL B 65 0.99 -11.16 -7.49
CA VAL B 65 1.58 -11.80 -8.66
C VAL B 65 0.49 -12.17 -9.67
N LYS B 66 -0.56 -12.85 -9.19
CA LYS B 66 -1.70 -13.20 -10.03
C LYS B 66 -2.38 -11.94 -10.57
N HIS B 67 -2.60 -10.96 -9.69
CA HIS B 67 -3.17 -9.70 -10.11
C HIS B 67 -2.39 -9.06 -11.28
N ASN B 68 -1.07 -8.96 -11.13
CA ASN B 68 -0.19 -8.34 -12.15
C ASN B 68 -0.28 -9.08 -13.48
N LYS B 69 -0.24 -10.42 -13.43
CA LYS B 69 -0.38 -11.20 -14.68
C LYS B 69 -1.76 -11.02 -15.31
N ALA B 70 -2.81 -11.13 -14.50
CA ALA B 70 -4.19 -10.99 -14.99
C ALA B 70 -4.46 -9.65 -15.69
N ASN B 71 -3.85 -8.59 -15.20
CA ASN B 71 -4.15 -7.26 -15.68
C ASN B 71 -3.01 -6.51 -16.35
N GLY B 72 -1.86 -7.15 -16.52
CA GLY B 72 -0.67 -6.47 -17.04
C GLY B 72 -0.23 -5.32 -16.15
N ASP B 73 -0.36 -5.54 -14.84
CA ASP B 73 -0.03 -4.52 -13.86
C ASP B 73 1.35 -4.80 -13.27
N ASN B 74 1.87 -3.88 -12.45
CA ASN B 74 3.24 -3.97 -11.93
C ASN B 74 3.35 -3.56 -10.45
N VAL B 75 2.27 -3.82 -9.69
CA VAL B 75 2.23 -3.39 -8.29
C VAL B 75 2.87 -4.46 -7.40
N GLY B 76 3.44 -4.00 -6.27
CA GLY B 76 4.06 -4.91 -5.32
C GLY B 76 4.01 -4.33 -3.91
N PRO B 77 4.44 -5.13 -2.94
CA PRO B 77 4.33 -4.79 -1.53
C PRO B 77 5.29 -3.69 -1.03
N LEU B 78 4.98 -3.16 0.16
CA LEU B 78 5.89 -2.31 0.92
C LEU B 78 6.59 -3.19 1.96
N LEU B 79 7.92 -3.17 1.97
CA LEU B 79 8.68 -4.04 2.86
C LEU B 79 9.15 -3.28 4.11
N LEU B 80 8.63 -3.65 5.27
CA LEU B 80 9.07 -3.02 6.52
C LEU B 80 10.23 -3.82 7.07
N LYS B 81 11.37 -3.16 7.21
CA LYS B 81 12.60 -3.85 7.59
C LYS B 81 13.11 -3.36 8.93
N LYS B 82 13.55 -4.30 9.77
CA LYS B 82 14.17 -3.93 11.06
C LYS B 82 15.57 -3.35 10.85
N GLN B 83 16.14 -3.68 9.67
CA GLN B 83 17.54 -3.51 9.21
C GLN B 83 18.57 -4.24 10.08
FE1 FES C . -2.20 7.05 -1.87
FE2 FES C . -2.71 8.42 0.40
S1 FES C . -1.91 9.20 -1.51
S2 FES C . -2.93 6.24 0.03
ZN ZN D . -6.72 10.33 4.28
ZN ZN E . 6.11 -10.39 -5.19
FE1 FES F . -1.00 -7.29 -2.31
FE2 FES F . 1.34 -8.56 -2.26
S1 FES F . -0.68 -9.38 -1.90
S2 FES F . 0.98 -6.42 -2.61
#